data_7LJJ
#
_entry.id   7LJJ
#
_cell.length_a   56.010
_cell.length_b   76.430
_cell.length_c   132.380
_cell.angle_alpha   90.000
_cell.angle_beta   90.000
_cell.angle_gamma   90.000
#
_symmetry.space_group_name_H-M   'P 2 21 21'
#
loop_
_entity.id
_entity.type
_entity.pdbx_description
1 polymer Exo-alpha-L-galactosidase
2 non-polymer 1,2-ETHANEDIOL
3 non-polymer 'CALCIUM ION'
4 water water
#
_entity_poly.entity_id   1
_entity_poly.type   'polypeptide(L)'
_entity_poly.pdbx_seq_one_letter_code
;MGSSHHHHHHSSGLVPRGSHMASNSTYAPNVDSTVSLKGTDVFKADSASIAQNYTIPEWFKDAKFGIFIHWGVYSVPAYG
SEWYSRWMYKEGHPINKYHVQTYGPLTKFGYKDFIPMFKAENFNADEWLAVVKSSGAQYIVPVAEHHDGFAMYSSTFNKW
NAVDMGPKRDIIGELKEATKKAGLRFGLSSHRCENAWFYEYGMETPSDVQDTTITLYGERLHEPEGQGMTPYCGKYEGSN
ERSRRQFLMHTYELIDKYQPELIWFDWTVGKYPFQPTFYKFMAYYYNSALDWNKEVVVNTKFGYGDNIQVFDIERGKSDR
IREYPWQTDTSVGKKSWSYCVGEENKSPDHIIDDFVDIVSKNGNLLLNIGPKADGTITDEQKNVLAEIGKWLKTNGEAIY
GSRPWVIASEGHNAGTAGYMTDNTKTEYTADDIRFTTCDNNLYAVSLAWTDGSVTIKSLATKYCRNVEIESVEMLGSSEK
IDYKMTDEGLVVNFPKNKPTEYAHVFKIKLKGVVVSKPLYDKVDNGCLITVRVANHNAEDANVTLKSVVDGNEVSTQVAV
KAKSEQWVKMQNKDVKSFDDMSCKFYFNDNLTYENEFKK
;
_entity_poly.pdbx_strand_id   A
#
loop_
_chem_comp.id
_chem_comp.type
_chem_comp.name
_chem_comp.formula
CA non-polymer 'CALCIUM ION' 'Ca 2'
EDO non-polymer 1,2-ETHANEDIOL 'C2 H6 O2'
#
# COMPACT_ATOMS: atom_id res chain seq x y z
N LYS A 38 -29.14 -11.11 11.27
CA LYS A 38 -28.55 -11.08 12.59
C LYS A 38 -28.08 -12.47 13.01
N GLY A 39 -27.25 -12.53 14.05
CA GLY A 39 -26.82 -13.78 14.64
C GLY A 39 -25.42 -14.22 14.26
N THR A 40 -24.89 -13.75 13.13
CA THR A 40 -23.59 -14.23 12.66
C THR A 40 -22.49 -13.81 13.63
N ASP A 41 -21.79 -14.78 14.21
CA ASP A 41 -20.78 -14.49 15.23
C ASP A 41 -19.62 -15.47 15.12
N VAL A 42 -19.27 -15.82 13.88
CA VAL A 42 -18.07 -16.61 13.62
C VAL A 42 -16.85 -15.97 14.27
N PHE A 43 -16.72 -14.66 14.10
CA PHE A 43 -15.55 -13.95 14.61
C PHE A 43 -15.84 -13.40 15.99
N LYS A 44 -14.94 -13.68 16.92
CA LYS A 44 -14.95 -13.05 18.24
C LYS A 44 -13.84 -12.00 18.30
N ALA A 45 -13.98 -11.09 19.26
CA ALA A 45 -13.15 -9.89 19.33
C ALA A 45 -11.78 -10.19 19.94
N ASP A 46 -11.07 -11.14 19.32
CA ASP A 46 -9.72 -11.47 19.77
C ASP A 46 -8.93 -12.00 18.59
N SER A 47 -7.61 -11.98 18.76
CA SER A 47 -6.70 -12.26 17.65
C SER A 47 -6.81 -13.70 17.16
N ALA A 48 -6.85 -14.66 18.07
CA ALA A 48 -6.83 -16.06 17.66
C ALA A 48 -8.09 -16.44 16.91
N SER A 49 -9.25 -15.89 17.32
CA SER A 49 -10.50 -16.11 16.61
C SER A 49 -10.45 -15.54 15.20
N ILE A 50 -9.94 -14.31 15.04
CA ILE A 50 -9.86 -13.71 13.71
C ILE A 50 -8.98 -14.56 12.80
N ALA A 51 -7.78 -14.93 13.29
CA ALA A 51 -6.85 -15.69 12.47
C ALA A 51 -7.39 -17.06 12.11
N GLN A 52 -8.27 -17.61 12.95
CA GLN A 52 -8.85 -18.91 12.66
C GLN A 52 -9.75 -18.87 11.42
N ASN A 53 -10.40 -17.73 11.17
CA ASN A 53 -11.48 -17.69 10.20
C ASN A 53 -11.28 -16.68 9.06
N TYR A 54 -10.29 -15.79 9.15
CA TYR A 54 -10.13 -14.76 8.15
C TYR A 54 -9.04 -15.12 7.15
N THR A 55 -9.26 -14.76 5.89
CA THR A 55 -8.26 -14.88 4.84
C THR A 55 -8.27 -13.61 4.01
N ILE A 56 -7.09 -13.11 3.68
CA ILE A 56 -7.02 -11.90 2.84
C ILE A 56 -7.65 -12.21 1.49
N PRO A 57 -8.61 -11.41 1.01
CA PRO A 57 -9.35 -11.80 -0.19
C PRO A 57 -8.53 -11.71 -1.48
N GLU A 58 -8.91 -12.55 -2.45
CA GLU A 58 -8.22 -12.52 -3.72
C GLU A 58 -8.42 -11.21 -4.44
N TRP A 59 -9.56 -10.52 -4.24
CA TRP A 59 -9.77 -9.29 -5.02
C TRP A 59 -8.72 -8.25 -4.68
N PHE A 60 -8.26 -8.21 -3.43
CA PHE A 60 -7.24 -7.22 -3.08
C PHE A 60 -5.92 -7.55 -3.79
N LYS A 61 -5.52 -8.81 -3.73
CA LYS A 61 -4.33 -9.26 -4.45
C LYS A 61 -4.43 -8.98 -5.94
N ASP A 62 -5.64 -9.16 -6.50
CA ASP A 62 -5.84 -8.98 -7.94
C ASP A 62 -5.85 -7.51 -8.33
N ALA A 63 -6.27 -6.63 -7.42
CA ALA A 63 -6.60 -5.24 -7.76
C ALA A 63 -5.36 -4.38 -7.97
N LYS A 64 -4.39 -4.46 -7.06
CA LYS A 64 -3.08 -3.80 -7.15
C LYS A 64 -3.06 -2.28 -6.91
N PHE A 65 -4.12 -1.55 -7.25
CA PHE A 65 -4.02 -0.10 -7.39
C PHE A 65 -5.30 0.59 -6.95
N GLY A 66 -5.18 1.52 -5.99
CA GLY A 66 -6.31 2.28 -5.52
C GLY A 66 -5.96 3.76 -5.44
N ILE A 67 -7.00 4.60 -5.41
CA ILE A 67 -6.84 6.04 -5.30
C ILE A 67 -7.31 6.49 -3.92
N PHE A 68 -6.41 7.13 -3.18
CA PHE A 68 -6.69 7.81 -1.91
C PHE A 68 -7.12 9.23 -2.21
N ILE A 69 -8.12 9.76 -1.51
CA ILE A 69 -8.55 11.14 -1.73
C ILE A 69 -8.62 11.87 -0.39
N HIS A 70 -7.58 12.64 -0.08
CA HIS A 70 -7.56 13.46 1.13
C HIS A 70 -8.29 14.78 0.87
N TRP A 71 -9.48 14.92 1.43
CA TRP A 71 -10.32 16.09 1.20
C TRP A 71 -11.12 16.32 2.46
N GLY A 72 -11.17 17.56 2.92
CA GLY A 72 -11.90 17.86 4.13
C GLY A 72 -11.80 19.32 4.48
N VAL A 73 -12.11 19.64 5.73
CA VAL A 73 -12.04 21.03 6.19
C VAL A 73 -10.64 21.61 6.02
N TYR A 74 -9.59 20.78 6.20
CA TYR A 74 -8.23 21.25 6.00
C TYR A 74 -7.95 21.70 4.56
N SER A 75 -8.85 21.38 3.62
CA SER A 75 -8.68 21.85 2.25
C SER A 75 -9.02 23.34 2.12
N VAL A 76 -9.81 23.88 3.03
CA VAL A 76 -10.27 25.27 2.98
C VAL A 76 -9.09 26.23 3.11
N PRO A 77 -8.28 26.19 4.18
CA PRO A 77 -7.11 27.08 4.20
C PRO A 77 -6.09 26.76 3.12
N ALA A 78 -6.16 25.57 2.51
CA ALA A 78 -5.30 25.21 1.37
C ALA A 78 -3.83 25.32 1.72
N TYR A 79 -3.49 25.07 2.97
CA TYR A 79 -2.11 25.09 3.44
C TYR A 79 -1.38 23.80 3.11
N GLY A 80 -2.08 22.77 2.65
CA GLY A 80 -1.46 21.51 2.32
C GLY A 80 -1.15 20.63 3.51
N SER A 81 -1.89 20.78 4.61
CA SER A 81 -1.65 19.93 5.78
C SER A 81 -2.96 19.57 6.48
N GLU A 82 -3.21 18.27 6.57
CA GLU A 82 -4.27 17.75 7.41
C GLU A 82 -4.01 18.00 8.90
N TRP A 83 -2.79 18.38 9.26
CA TRP A 83 -2.46 18.69 10.64
C TRP A 83 -2.64 20.17 10.97
N TYR A 84 -3.29 20.94 10.09
CA TYR A 84 -3.58 22.34 10.37
C TYR A 84 -4.30 22.47 11.70
N SER A 85 -5.27 21.59 11.97
CA SER A 85 -6.07 21.72 13.18
C SER A 85 -5.23 21.55 14.44
N ARG A 86 -4.19 20.71 14.39
CA ARG A 86 -3.35 20.51 15.57
C ARG A 86 -2.37 21.67 15.76
N TRP A 87 -1.68 22.09 14.69
CA TRP A 87 -0.62 23.06 14.88
C TRP A 87 -1.12 24.49 14.98
N MET A 88 -2.33 24.78 14.50
CA MET A 88 -2.83 26.14 14.63
C MET A 88 -2.98 26.56 16.09
N TYR A 89 -3.17 25.58 16.99
CA TYR A 89 -3.29 25.84 18.43
C TYR A 89 -1.96 25.76 19.18
N LYS A 90 -0.83 25.57 18.48
CA LYS A 90 0.48 25.51 19.14
C LYS A 90 1.16 26.87 18.99
N GLU A 91 1.19 27.64 20.09
CA GLU A 91 1.78 28.98 20.08
C GLU A 91 3.16 28.98 19.45
N GLY A 92 3.36 29.85 18.47
CA GLY A 92 4.65 29.98 17.82
C GLY A 92 4.86 29.09 16.61
N HIS A 93 4.03 28.07 16.40
CA HIS A 93 4.18 27.22 15.23
C HIS A 93 3.86 28.04 13.98
N PRO A 94 4.59 27.82 12.89
CA PRO A 94 4.32 28.57 11.65
C PRO A 94 2.86 28.58 11.23
N ILE A 95 2.13 27.49 11.49
CA ILE A 95 0.70 27.43 11.14
C ILE A 95 -0.11 28.32 12.08
N ASN A 96 0.25 28.32 13.35
CA ASN A 96 -0.37 29.23 14.32
C ASN A 96 -0.18 30.68 13.89
N LYS A 97 1.06 31.06 13.58
CA LYS A 97 1.34 32.43 13.14
C LYS A 97 0.60 32.76 11.85
N TYR A 98 0.59 31.82 10.89
CA TYR A 98 -0.18 31.99 9.66
C TYR A 98 -1.66 32.22 9.97
N HIS A 99 -2.22 31.39 10.84
CA HIS A 99 -3.65 31.46 11.09
C HIS A 99 -4.06 32.77 11.77
N VAL A 100 -3.27 33.21 12.75
CA VAL A 100 -3.65 34.41 13.50
C VAL A 100 -3.69 35.62 12.59
N GLN A 101 -2.73 35.71 11.66
CA GLN A 101 -2.71 36.84 10.73
C GLN A 101 -3.77 36.70 9.65
N THR A 102 -4.00 35.48 9.15
CA THR A 102 -4.89 35.32 8.01
C THR A 102 -6.35 35.27 8.43
N TYR A 103 -6.66 34.58 9.53
CA TYR A 103 -8.04 34.37 9.93
C TYR A 103 -8.41 35.01 11.26
N GLY A 104 -7.46 35.18 12.18
CA GLY A 104 -7.74 35.87 13.42
C GLY A 104 -7.33 35.09 14.65
N PRO A 105 -7.49 35.70 15.82
CA PRO A 105 -7.06 35.04 17.07
C PRO A 105 -7.79 33.74 17.30
N LEU A 106 -7.11 32.81 17.99
CA LEU A 106 -7.66 31.48 18.19
C LEU A 106 -8.94 31.47 19.03
N THR A 107 -9.19 32.53 19.80
CA THR A 107 -10.42 32.65 20.57
C THR A 107 -11.58 33.15 19.72
N LYS A 108 -11.32 33.73 18.56
CA LYS A 108 -12.36 34.22 17.66
C LYS A 108 -12.56 33.34 16.44
N PHE A 109 -11.49 32.83 15.84
CA PHE A 109 -11.59 31.99 14.64
C PHE A 109 -10.87 30.69 14.97
N GLY A 110 -11.63 29.67 15.32
CA GLY A 110 -11.08 28.34 15.53
C GLY A 110 -11.15 27.51 14.26
N TYR A 111 -10.66 26.27 14.37
CA TYR A 111 -10.76 25.34 13.24
C TYR A 111 -12.20 25.14 12.82
N LYS A 112 -13.12 25.07 13.78
CA LYS A 112 -14.54 24.90 13.47
C LYS A 112 -15.06 25.98 12.53
N ASP A 113 -14.43 27.16 12.54
CA ASP A 113 -14.95 28.26 11.76
C ASP A 113 -14.58 28.17 10.30
N PHE A 114 -13.73 27.21 9.92
CA PHE A 114 -13.58 26.91 8.51
C PHE A 114 -14.80 26.20 7.94
N ILE A 115 -15.62 25.58 8.79
CA ILE A 115 -16.62 24.63 8.28
C ILE A 115 -17.70 25.34 7.46
N PRO A 116 -18.24 26.49 7.89
CA PRO A 116 -19.19 27.20 7.02
C PRO A 116 -18.62 27.56 5.65
N MET A 117 -17.30 27.74 5.55
CA MET A 117 -16.68 28.05 4.27
C MET A 117 -16.53 26.83 3.38
N PHE A 118 -16.70 25.63 3.93
CA PHE A 118 -16.48 24.38 3.20
C PHE A 118 -17.74 24.03 2.43
N LYS A 119 -18.01 24.83 1.40
CA LYS A 119 -19.29 24.73 0.69
C LYS A 119 -19.27 23.64 -0.38
N ALA A 120 -18.10 23.36 -0.97
CA ALA A 120 -17.94 22.25 -1.92
C ALA A 120 -18.86 22.41 -3.13
N GLU A 121 -18.96 23.65 -3.63
CA GLU A 121 -19.88 23.98 -4.72
C GLU A 121 -19.62 23.18 -5.99
N ASN A 122 -18.39 22.70 -6.19
CA ASN A 122 -18.05 21.95 -7.39
C ASN A 122 -17.80 20.46 -7.13
N PHE A 123 -18.21 19.96 -5.97
CA PHE A 123 -18.12 18.53 -5.74
C PHE A 123 -19.14 17.80 -6.60
N ASN A 124 -18.68 16.74 -7.26
CA ASN A 124 -19.57 15.85 -7.99
C ASN A 124 -18.98 14.45 -7.93
N ALA A 125 -19.68 13.54 -7.24
CA ALA A 125 -19.17 12.19 -7.00
C ALA A 125 -18.94 11.43 -8.30
N ASP A 126 -19.83 11.55 -9.28
CA ASP A 126 -19.61 10.88 -10.57
C ASP A 126 -18.36 11.43 -11.25
N GLU A 127 -18.14 12.74 -11.17
CA GLU A 127 -16.93 13.32 -11.76
C GLU A 127 -15.69 12.77 -11.09
N TRP A 128 -15.71 12.64 -9.76
CA TRP A 128 -14.57 12.07 -9.05
C TRP A 128 -14.29 10.66 -9.53
N LEU A 129 -15.34 9.84 -9.67
CA LEU A 129 -15.14 8.45 -10.04
C LEU A 129 -14.64 8.30 -11.47
N ALA A 130 -14.99 9.25 -12.35
CA ALA A 130 -14.47 9.21 -13.71
C ALA A 130 -12.97 9.44 -13.71
N VAL A 131 -12.50 10.33 -12.84
CA VAL A 131 -11.05 10.54 -12.74
C VAL A 131 -10.39 9.31 -12.15
N VAL A 132 -10.95 8.76 -11.08
CA VAL A 132 -10.39 7.54 -10.49
C VAL A 132 -10.36 6.42 -11.53
N LYS A 133 -11.48 6.19 -12.20
CA LYS A 133 -11.56 5.12 -13.18
C LYS A 133 -10.56 5.33 -14.32
N SER A 134 -10.32 6.59 -14.70
CA SER A 134 -9.40 6.89 -15.79
C SER A 134 -7.96 6.51 -15.46
N SER A 135 -7.63 6.35 -14.17
CA SER A 135 -6.29 5.97 -13.76
C SER A 135 -6.01 4.48 -13.90
N GLY A 136 -7.03 3.67 -14.16
CA GLY A 136 -6.86 2.23 -14.08
C GLY A 136 -6.95 1.67 -12.68
N ALA A 137 -7.10 2.51 -11.65
CA ALA A 137 -7.27 2.01 -10.30
C ALA A 137 -8.56 1.20 -10.17
N GLN A 138 -8.55 0.25 -9.24
CA GLN A 138 -9.64 -0.69 -9.08
C GLN A 138 -10.45 -0.45 -7.81
N TYR A 139 -9.95 0.39 -6.90
CA TYR A 139 -10.73 0.75 -5.72
C TYR A 139 -10.44 2.20 -5.37
N ILE A 140 -11.29 2.76 -4.53
CA ILE A 140 -11.21 4.16 -4.14
C ILE A 140 -11.29 4.23 -2.63
N VAL A 141 -10.52 5.14 -2.04
CA VAL A 141 -10.50 5.29 -0.59
C VAL A 141 -10.66 6.76 -0.25
N PRO A 142 -11.87 7.31 -0.23
CA PRO A 142 -12.04 8.66 0.32
C PRO A 142 -11.83 8.63 1.82
N VAL A 143 -11.51 9.80 2.37
CA VAL A 143 -11.37 9.95 3.81
C VAL A 143 -12.77 10.12 4.40
N ALA A 144 -13.21 9.15 5.19
CA ALA A 144 -14.50 9.29 5.86
C ALA A 144 -14.40 10.24 7.05
N GLU A 145 -13.27 10.22 7.76
CA GLU A 145 -13.06 11.16 8.84
C GLU A 145 -11.57 11.21 9.14
N HIS A 146 -10.99 12.40 9.13
CA HIS A 146 -9.57 12.54 9.44
C HIS A 146 -9.41 12.76 10.95
N HIS A 147 -8.25 13.27 11.39
CA HIS A 147 -8.00 13.51 12.82
C HIS A 147 -8.82 14.66 13.38
N ASP A 148 -9.37 15.53 12.53
CA ASP A 148 -9.86 16.84 12.95
C ASP A 148 -11.29 16.81 13.51
N GLY A 149 -11.89 15.63 13.70
CA GLY A 149 -13.21 15.54 14.31
C GLY A 149 -14.40 15.65 13.38
N PHE A 150 -14.19 15.87 12.08
CA PHE A 150 -15.28 16.21 11.18
C PHE A 150 -15.63 15.03 10.28
N ALA A 151 -16.85 14.50 10.44
CA ALA A 151 -17.30 13.34 9.69
C ALA A 151 -17.76 13.74 8.29
N MET A 152 -17.20 13.10 7.27
CA MET A 152 -17.57 13.36 5.89
C MET A 152 -18.75 12.51 5.43
N TYR A 153 -19.59 12.05 6.34
CA TYR A 153 -20.67 11.12 6.02
C TYR A 153 -21.84 11.38 6.96
N SER A 154 -22.91 10.61 6.80
CA SER A 154 -24.13 10.79 7.58
C SER A 154 -23.96 10.11 8.94
N SER A 155 -23.44 10.86 9.91
CA SER A 155 -23.21 10.31 11.24
C SER A 155 -24.41 10.59 12.15
N THR A 156 -24.75 9.60 12.98
CA THR A 156 -25.81 9.78 13.95
C THR A 156 -25.31 10.42 15.25
N PHE A 157 -24.16 10.00 15.77
CA PHE A 157 -23.69 10.54 17.04
C PHE A 157 -22.86 11.81 16.89
N ASN A 158 -22.19 12.00 15.75
CA ASN A 158 -21.27 13.12 15.56
C ASN A 158 -22.00 14.22 14.79
N LYS A 159 -22.43 15.26 15.50
CA LYS A 159 -23.12 16.37 14.85
C LYS A 159 -22.18 17.24 14.06
N TRP A 160 -20.87 17.04 14.19
CA TRP A 160 -19.90 17.69 13.32
C TRP A 160 -19.69 16.82 12.08
N ASN A 161 -20.60 16.97 11.11
CA ASN A 161 -20.60 16.11 9.93
C ASN A 161 -20.99 16.88 8.68
N ALA A 162 -20.68 16.28 7.53
CA ALA A 162 -20.83 16.96 6.26
C ALA A 162 -22.28 17.02 5.78
N VAL A 163 -23.17 16.20 6.33
CA VAL A 163 -24.58 16.31 5.95
C VAL A 163 -25.20 17.54 6.59
N ASP A 164 -24.88 17.79 7.86
CA ASP A 164 -25.48 18.89 8.60
C ASP A 164 -24.77 20.22 8.40
N MET A 165 -23.53 20.20 7.92
CA MET A 165 -22.66 21.36 7.92
C MET A 165 -21.81 21.38 6.66
N GLY A 166 -21.24 22.54 6.37
CA GLY A 166 -20.28 22.63 5.30
C GLY A 166 -20.88 22.25 3.96
N PRO A 167 -20.49 21.11 3.41
CA PRO A 167 -21.02 20.70 2.10
C PRO A 167 -22.51 20.42 2.11
N LYS A 168 -23.08 20.11 3.27
CA LYS A 168 -24.48 19.76 3.41
C LYS A 168 -24.88 18.61 2.48
N ARG A 169 -24.04 17.57 2.43
CA ARG A 169 -24.37 16.36 1.69
C ARG A 169 -23.58 15.18 2.26
N ASP A 170 -24.06 13.98 1.97
CA ASP A 170 -23.34 12.77 2.38
C ASP A 170 -22.28 12.49 1.33
N ILE A 171 -21.08 13.04 1.55
CA ILE A 171 -19.98 12.87 0.62
C ILE A 171 -19.67 11.40 0.41
N ILE A 172 -19.54 10.66 1.52
CA ILE A 172 -19.22 9.24 1.45
C ILE A 172 -20.34 8.46 0.77
N GLY A 173 -21.60 8.80 1.10
CA GLY A 173 -22.72 8.12 0.45
C GLY A 173 -22.79 8.38 -1.04
N GLU A 174 -22.55 9.63 -1.45
CA GLU A 174 -22.58 9.92 -2.88
C GLU A 174 -21.43 9.24 -3.60
N LEU A 175 -20.25 9.16 -2.96
CA LEU A 175 -19.13 8.45 -3.55
C LEU A 175 -19.38 6.94 -3.61
N LYS A 176 -20.07 6.38 -2.61
CA LYS A 176 -20.40 4.96 -2.66
C LYS A 176 -21.28 4.66 -3.86
N GLU A 177 -22.33 5.46 -4.07
CA GLU A 177 -23.22 5.24 -5.21
C GLU A 177 -22.48 5.41 -6.54
N ALA A 178 -21.66 6.45 -6.64
CA ALA A 178 -20.87 6.67 -7.85
C ALA A 178 -19.91 5.51 -8.10
N THR A 179 -19.33 4.94 -7.04
CA THR A 179 -18.36 3.87 -7.23
C THR A 179 -19.04 2.60 -7.72
N LYS A 180 -20.24 2.30 -7.19
CA LYS A 180 -21.06 1.20 -7.71
C LYS A 180 -21.32 1.38 -9.20
N LYS A 181 -21.76 2.57 -9.61
CA LYS A 181 -22.07 2.80 -11.02
C LYS A 181 -20.84 2.71 -11.91
N ALA A 182 -19.66 3.09 -11.38
CA ALA A 182 -18.41 3.01 -12.13
C ALA A 182 -17.84 1.61 -12.20
N GLY A 183 -18.36 0.67 -11.41
CA GLY A 183 -17.86 -0.69 -11.42
C GLY A 183 -16.58 -0.90 -10.66
N LEU A 184 -16.25 -0.04 -9.72
CA LEU A 184 -15.07 -0.19 -8.88
C LEU A 184 -15.49 -0.63 -7.48
N ARG A 185 -14.50 -0.91 -6.64
CA ARG A 185 -14.74 -1.30 -5.26
C ARG A 185 -14.56 -0.10 -4.36
N PHE A 186 -15.40 -0.01 -3.33
CA PHE A 186 -15.48 1.15 -2.45
C PHE A 186 -14.81 0.85 -1.11
N GLY A 187 -13.83 1.66 -0.74
CA GLY A 187 -13.27 1.64 0.60
C GLY A 187 -13.30 3.03 1.19
N LEU A 188 -12.77 3.16 2.40
CA LEU A 188 -12.70 4.48 3.03
C LEU A 188 -11.67 4.43 4.15
N SER A 189 -11.26 5.61 4.62
CA SER A 189 -10.28 5.69 5.69
C SER A 189 -10.87 6.36 6.93
N SER A 190 -10.42 5.90 8.09
CA SER A 190 -10.79 6.49 9.37
C SER A 190 -9.52 6.92 10.08
N HIS A 191 -9.44 8.20 10.42
CA HIS A 191 -8.35 8.71 11.24
C HIS A 191 -8.88 9.31 12.54
N ARG A 192 -10.06 8.86 13.01
CA ARG A 192 -10.69 9.47 14.18
C ARG A 192 -9.99 9.12 15.49
N CYS A 193 -9.27 8.00 15.54
CA CYS A 193 -8.65 7.61 16.80
C CYS A 193 -7.78 8.72 17.35
N GLU A 194 -7.07 9.42 16.48
CA GLU A 194 -6.12 10.46 16.90
C GLU A 194 -6.82 11.74 17.36
N ASN A 195 -8.10 11.90 17.02
CA ASN A 195 -8.88 13.03 17.53
C ASN A 195 -8.91 13.07 19.05
N ALA A 196 -8.60 11.95 19.74
CA ALA A 196 -8.63 11.97 21.20
C ALA A 196 -7.63 12.96 21.76
N TRP A 197 -6.54 13.22 21.03
CA TRP A 197 -5.47 14.09 21.49
C TRP A 197 -5.07 15.17 20.49
N PHE A 198 -5.66 15.19 19.29
CA PHE A 198 -5.15 16.05 18.22
C PHE A 198 -5.18 17.52 18.62
N TYR A 199 -6.16 17.94 19.42
CA TYR A 199 -6.32 19.34 19.78
C TYR A 199 -5.70 19.69 21.14
N GLU A 200 -4.75 18.87 21.63
CA GLU A 200 -4.21 19.08 22.98
C GLU A 200 -3.60 20.47 23.18
N TYR A 201 -2.96 21.03 22.15
CA TYR A 201 -2.30 22.31 22.34
C TYR A 201 -3.28 23.45 22.55
N GLY A 202 -4.54 23.28 22.15
CA GLY A 202 -5.54 24.31 22.39
C GLY A 202 -5.84 24.57 23.85
N MET A 203 -5.51 23.63 24.73
CA MET A 203 -5.68 23.82 26.17
C MET A 203 -4.52 24.59 26.82
N GLU A 204 -3.46 24.87 26.08
CA GLU A 204 -2.25 25.46 26.64
C GLU A 204 -2.12 26.96 26.35
N THR A 205 -3.01 27.50 25.53
CA THR A 205 -3.01 28.90 25.13
C THR A 205 -4.46 29.28 24.90
N PRO A 206 -4.84 30.55 25.14
CA PRO A 206 -6.24 30.94 24.97
C PRO A 206 -6.77 30.60 23.59
N SER A 207 -7.89 29.89 23.55
CA SER A 207 -8.43 29.42 22.28
C SER A 207 -9.79 28.81 22.55
N ASP A 208 -10.54 28.60 21.46
CA ASP A 208 -11.86 28.00 21.59
C ASP A 208 -11.80 26.52 22.00
N VAL A 209 -10.65 25.87 21.89
CA VAL A 209 -10.54 24.48 22.36
C VAL A 209 -10.81 24.39 23.87
N GLN A 210 -10.52 25.47 24.61
CA GLN A 210 -10.75 25.45 26.05
C GLN A 210 -12.23 25.52 26.42
N ASP A 211 -13.10 25.82 25.46
CA ASP A 211 -14.53 25.63 25.66
C ASP A 211 -14.82 24.16 25.43
N THR A 212 -14.85 23.39 26.51
CA THR A 212 -14.99 21.94 26.39
C THR A 212 -16.40 21.51 25.99
N THR A 213 -17.33 22.42 25.70
CA THR A 213 -18.62 22.05 25.14
C THR A 213 -18.57 21.87 23.62
N ILE A 214 -17.49 22.29 22.97
CA ILE A 214 -17.33 22.08 21.54
C ILE A 214 -16.74 20.69 21.33
N THR A 215 -17.57 19.76 20.85
CA THR A 215 -17.18 18.36 20.79
C THR A 215 -16.30 18.03 19.58
N LEU A 216 -16.24 18.91 18.58
CA LEU A 216 -15.36 18.70 17.44
C LEU A 216 -13.92 18.45 17.89
N TYR A 217 -13.52 19.05 19.01
CA TYR A 217 -12.13 19.06 19.44
C TYR A 217 -11.76 17.84 20.29
N GLY A 218 -12.66 16.87 20.42
CA GLY A 218 -12.27 15.60 20.98
C GLY A 218 -11.94 15.66 22.47
N GLU A 219 -11.19 14.67 22.93
CA GLU A 219 -10.92 14.52 24.35
C GLU A 219 -9.79 15.41 24.86
N ARG A 220 -9.02 16.04 23.97
CA ARG A 220 -7.97 16.98 24.36
C ARG A 220 -6.93 16.34 25.27
N LEU A 221 -6.65 15.06 25.06
CA LEU A 221 -5.62 14.35 25.81
C LEU A 221 -4.23 14.63 25.24
N HIS A 222 -3.20 14.20 25.96
CA HIS A 222 -1.85 14.29 25.43
C HIS A 222 -1.61 13.20 24.39
N GLU A 223 -0.79 13.49 23.40
CA GLU A 223 -0.44 12.48 22.41
C GLU A 223 0.22 11.29 23.10
N PRO A 224 -0.10 10.06 22.70
CA PRO A 224 0.60 8.90 23.27
C PRO A 224 2.10 8.99 23.00
N GLU A 225 2.88 8.44 23.93
CA GLU A 225 4.31 8.42 23.71
C GLU A 225 4.67 7.28 22.75
N GLY A 226 5.97 7.11 22.53
CA GLY A 226 6.45 6.12 21.59
C GLY A 226 6.73 6.72 20.23
N GLN A 227 7.89 6.42 19.67
CA GLN A 227 8.27 6.94 18.36
C GLN A 227 8.00 5.90 17.28
N GLY A 228 7.45 6.37 16.15
CA GLY A 228 7.19 5.48 15.03
C GLY A 228 6.09 4.47 15.29
N MET A 229 6.23 3.30 14.67
CA MET A 229 5.18 2.29 14.66
C MET A 229 5.40 1.32 15.83
N THR A 230 4.96 1.74 17.00
CA THR A 230 5.10 0.93 18.20
C THR A 230 3.81 0.99 19.01
N PRO A 231 3.37 -0.15 19.55
CA PRO A 231 2.17 -0.13 20.41
C PRO A 231 2.40 0.53 21.75
N TYR A 232 3.65 0.75 22.15
CA TYR A 232 3.96 1.39 23.42
C TYR A 232 3.44 2.82 23.43
N CYS A 233 2.85 3.22 24.56
CA CYS A 233 2.28 4.55 24.67
C CYS A 233 2.83 5.34 25.85
N GLY A 234 3.65 4.73 26.70
CA GLY A 234 4.16 5.45 27.85
C GLY A 234 3.04 5.78 28.83
N LYS A 235 3.05 7.01 29.35
CA LYS A 235 2.13 7.40 30.39
C LYS A 235 0.88 8.10 29.87
N TYR A 236 0.76 8.25 28.56
CA TYR A 236 -0.40 8.85 27.93
C TYR A 236 -1.02 7.80 27.00
N GLU A 237 -2.20 7.31 27.35
CA GLU A 237 -2.78 6.20 26.61
C GLU A 237 -3.20 6.59 25.19
N GLY A 238 -3.44 7.88 24.93
CA GLY A 238 -3.89 8.32 23.61
C GLY A 238 -5.36 8.13 23.34
N SER A 239 -6.12 7.66 24.31
CA SER A 239 -7.56 7.49 24.20
C SER A 239 -8.13 7.37 25.60
N ASN A 240 -9.45 7.34 25.69
CA ASN A 240 -10.11 7.11 26.96
C ASN A 240 -11.42 6.41 26.67
N GLU A 241 -12.18 6.16 27.74
CA GLU A 241 -13.42 5.42 27.60
C GLU A 241 -14.35 6.06 26.57
N ARG A 242 -14.56 7.37 26.65
CA ARG A 242 -15.49 8.01 25.73
C ARG A 242 -15.01 7.89 24.29
N SER A 243 -13.73 8.19 24.04
CA SER A 243 -13.25 8.12 22.67
C SER A 243 -13.28 6.70 22.13
N ARG A 244 -13.05 5.70 22.98
CA ARG A 244 -13.16 4.29 22.54
C ARG A 244 -14.59 3.93 22.18
N ARG A 245 -15.56 4.33 23.01
CA ARG A 245 -16.96 4.07 22.67
C ARG A 245 -17.37 4.79 21.40
N GLN A 246 -16.92 6.03 21.22
CA GLN A 246 -17.30 6.78 20.04
C GLN A 246 -16.63 6.20 18.80
N PHE A 247 -15.44 5.63 18.95
CA PHE A 247 -14.79 4.96 17.83
C PHE A 247 -15.61 3.77 17.35
N LEU A 248 -16.20 3.01 18.29
CA LEU A 248 -17.07 1.92 17.89
C LEU A 248 -18.35 2.43 17.24
N MET A 249 -18.95 3.48 17.79
CA MET A 249 -20.12 4.06 17.14
C MET A 249 -19.78 4.53 15.73
N HIS A 250 -18.64 5.19 15.58
CA HIS A 250 -18.16 5.69 14.29
C HIS A 250 -17.96 4.55 13.29
N THR A 251 -17.20 3.52 13.66
CA THR A 251 -16.94 2.43 12.71
C THR A 251 -18.19 1.59 12.46
N TYR A 252 -19.00 1.35 13.49
CA TYR A 252 -20.23 0.58 13.29
C TYR A 252 -21.16 1.26 12.29
N GLU A 253 -21.33 2.59 12.42
CA GLU A 253 -22.24 3.25 11.49
C GLU A 253 -21.67 3.28 10.07
N LEU A 254 -20.34 3.39 9.92
CA LEU A 254 -19.75 3.29 8.59
C LEU A 254 -20.00 1.91 7.98
N ILE A 255 -19.78 0.88 8.78
CA ILE A 255 -20.03 -0.50 8.32
C ILE A 255 -21.51 -0.65 7.94
N ASP A 256 -22.40 -0.30 8.87
CA ASP A 256 -23.84 -0.51 8.68
C ASP A 256 -24.37 0.27 7.48
N LYS A 257 -23.94 1.52 7.32
CA LYS A 257 -24.54 2.41 6.32
C LYS A 257 -23.94 2.26 4.93
N TYR A 258 -22.63 2.02 4.80
CA TYR A 258 -21.99 2.05 3.50
C TYR A 258 -21.39 0.73 3.06
N GLN A 259 -21.34 -0.27 3.94
CA GLN A 259 -20.79 -1.60 3.67
C GLN A 259 -19.49 -1.52 2.85
N PRO A 260 -18.48 -0.79 3.34
CA PRO A 260 -17.25 -0.66 2.54
C PRO A 260 -16.52 -1.98 2.44
N GLU A 261 -15.84 -2.17 1.30
CA GLU A 261 -15.03 -3.38 1.11
C GLU A 261 -13.64 -3.25 1.71
N LEU A 262 -13.25 -2.05 2.10
CA LEU A 262 -11.95 -1.85 2.72
C LEU A 262 -12.08 -0.70 3.70
N ILE A 263 -11.48 -0.84 4.88
CA ILE A 263 -11.40 0.28 5.82
C ILE A 263 -9.95 0.42 6.27
N TRP A 264 -9.40 1.62 6.07
CA TRP A 264 -8.00 1.96 6.34
C TRP A 264 -7.97 2.79 7.62
N PHE A 265 -7.05 2.46 8.53
CA PHE A 265 -6.97 3.18 9.80
C PHE A 265 -5.60 3.81 9.99
N ASP A 266 -5.57 4.98 10.63
CA ASP A 266 -4.30 5.62 10.91
C ASP A 266 -3.66 5.02 12.15
N TRP A 267 -2.43 5.45 12.46
CA TRP A 267 -1.50 4.61 13.20
C TRP A 267 -1.85 4.36 14.67
N THR A 268 -2.62 5.23 15.34
CA THR A 268 -2.71 4.99 16.79
C THR A 268 -3.71 3.90 17.19
N VAL A 269 -4.47 3.32 16.24
CA VAL A 269 -5.33 2.20 16.62
C VAL A 269 -4.54 1.00 17.12
N GLY A 270 -3.22 0.98 16.90
CA GLY A 270 -2.35 -0.07 17.38
C GLY A 270 -1.74 0.13 18.75
N LYS A 271 -1.88 1.31 19.35
CA LYS A 271 -1.41 1.50 20.71
C LYS A 271 -2.13 0.53 21.65
N TYR A 272 -1.38 -0.02 22.61
CA TYR A 272 -1.90 -1.11 23.45
C TYR A 272 -3.26 -0.82 24.05
N PRO A 273 -3.53 0.35 24.66
CA PRO A 273 -4.85 0.55 25.30
C PRO A 273 -6.02 0.55 24.33
N PHE A 274 -5.79 0.69 23.02
CA PHE A 274 -6.88 0.73 22.06
C PHE A 274 -7.18 -0.64 21.48
N GLN A 275 -6.29 -1.61 21.67
CA GLN A 275 -6.41 -2.87 20.96
C GLN A 275 -7.68 -3.66 21.29
N PRO A 276 -8.14 -3.73 22.55
CA PRO A 276 -9.46 -4.37 22.79
C PRO A 276 -10.59 -3.74 22.01
N THR A 277 -10.63 -2.41 21.94
CA THR A 277 -11.65 -1.74 21.16
C THR A 277 -11.51 -2.08 19.68
N PHE A 278 -10.28 -2.08 19.16
CA PHE A 278 -10.12 -2.34 17.74
C PHE A 278 -10.51 -3.77 17.38
N TYR A 279 -10.25 -4.74 18.26
CA TYR A 279 -10.67 -6.12 17.99
C TYR A 279 -12.19 -6.26 17.98
N LYS A 280 -12.90 -5.48 18.79
CA LYS A 280 -14.36 -5.47 18.72
C LYS A 280 -14.83 -4.96 17.36
N PHE A 281 -14.18 -3.91 16.85
CA PHE A 281 -14.50 -3.45 15.51
C PHE A 281 -14.24 -4.53 14.47
N MET A 282 -13.08 -5.19 14.54
CA MET A 282 -12.70 -6.16 13.51
C MET A 282 -13.70 -7.30 13.43
N ALA A 283 -14.11 -7.82 14.60
CA ALA A 283 -15.09 -8.89 14.62
C ALA A 283 -16.39 -8.45 14.00
N TYR A 284 -16.89 -7.27 14.39
CA TYR A 284 -18.14 -6.76 13.82
C TYR A 284 -18.04 -6.60 12.31
N TYR A 285 -16.91 -6.09 11.82
CA TYR A 285 -16.74 -5.88 10.37
C TYR A 285 -16.69 -7.21 9.63
N TYR A 286 -15.84 -8.13 10.10
CA TYR A 286 -15.70 -9.40 9.43
C TYR A 286 -16.98 -10.25 9.53
N ASN A 287 -17.72 -10.14 10.64
CA ASN A 287 -19.00 -10.84 10.73
C ASN A 287 -20.03 -10.26 9.77
N SER A 288 -20.13 -8.92 9.72
CA SER A 288 -21.01 -8.27 8.76
C SER A 288 -20.68 -8.69 7.34
N ALA A 289 -19.39 -8.74 7.01
CA ALA A 289 -18.98 -9.08 5.65
C ALA A 289 -19.44 -10.48 5.26
N LEU A 290 -19.41 -11.43 6.21
CA LEU A 290 -19.93 -12.77 5.93
C LEU A 290 -21.39 -12.69 5.47
N ASP A 291 -22.20 -11.90 6.17
CA ASP A 291 -23.59 -11.72 5.78
C ASP A 291 -23.74 -11.03 4.42
N TRP A 292 -22.85 -10.08 4.09
CA TRP A 292 -22.94 -9.39 2.81
C TRP A 292 -22.54 -10.26 1.63
N ASN A 293 -21.90 -11.39 1.88
CA ASN A 293 -21.24 -12.18 0.83
C ASN A 293 -20.19 -11.34 0.10
N LYS A 294 -19.46 -10.52 0.86
CA LYS A 294 -18.34 -9.76 0.33
C LYS A 294 -17.14 -9.98 1.24
N GLU A 295 -15.96 -10.13 0.64
CA GLU A 295 -14.76 -10.24 1.44
C GLU A 295 -14.13 -8.87 1.57
N VAL A 296 -13.64 -8.55 2.77
CA VAL A 296 -13.25 -7.18 3.09
C VAL A 296 -11.81 -7.14 3.56
N VAL A 297 -11.26 -5.93 3.57
CA VAL A 297 -9.88 -5.67 3.94
C VAL A 297 -9.87 -4.60 5.02
N VAL A 298 -9.04 -4.81 6.06
CA VAL A 298 -8.70 -3.79 7.06
C VAL A 298 -7.22 -3.44 6.87
N ASN A 299 -6.88 -2.16 6.80
CA ASN A 299 -5.48 -1.75 6.79
C ASN A 299 -5.10 -1.17 8.14
N THR A 300 -3.97 -1.59 8.69
CA THR A 300 -3.34 -0.92 9.83
C THR A 300 -1.85 -0.82 9.57
N LYS A 301 -1.21 0.08 10.32
CA LYS A 301 0.20 0.36 10.11
C LYS A 301 1.10 -0.45 11.03
N PHE A 302 0.57 -0.96 12.13
CA PHE A 302 1.31 -1.82 13.05
C PHE A 302 0.35 -2.32 14.13
N GLY A 303 0.81 -3.33 14.85
CA GLY A 303 0.15 -3.79 16.05
C GLY A 303 -0.64 -5.07 15.90
N TYR A 304 -0.96 -5.46 14.67
CA TYR A 304 -1.83 -6.60 14.38
C TYR A 304 -1.15 -7.55 13.41
N GLY A 305 -1.48 -8.83 13.52
CA GLY A 305 -0.78 -9.85 12.73
C GLY A 305 -0.95 -9.64 11.23
N ASP A 306 0.06 -10.04 10.46
CA ASP A 306 0.03 -9.73 9.03
C ASP A 306 -0.96 -10.61 8.27
N ASN A 307 -1.55 -11.59 8.93
CA ASN A 307 -2.54 -12.50 8.38
C ASN A 307 -3.98 -12.15 8.76
N ILE A 308 -4.20 -11.37 9.82
CA ILE A 308 -5.56 -10.96 10.18
C ILE A 308 -5.95 -9.60 9.59
N GLN A 309 -5.02 -8.90 8.96
CA GLN A 309 -5.30 -7.63 8.31
C GLN A 309 -4.25 -7.42 7.24
N VAL A 310 -4.37 -6.35 6.47
CA VAL A 310 -3.45 -6.04 5.38
C VAL A 310 -2.58 -4.88 5.86
N PHE A 311 -1.30 -5.16 6.14
CA PHE A 311 -0.37 -4.12 6.55
C PHE A 311 -0.34 -3.00 5.51
N ASP A 312 -0.30 -1.77 5.99
CA ASP A 312 -0.07 -0.60 5.15
C ASP A 312 1.20 0.04 5.68
N ILE A 313 2.27 0.01 4.89
CA ILE A 313 3.62 0.23 5.38
C ILE A 313 4.41 1.06 4.38
N GLU A 314 5.45 1.71 4.88
CA GLU A 314 6.39 2.36 3.96
C GLU A 314 7.12 1.31 3.15
N ARG A 315 7.59 1.71 1.98
CA ARG A 315 8.43 0.82 1.19
C ARG A 315 9.82 0.76 1.81
N GLY A 316 10.26 -0.44 2.16
CA GLY A 316 11.57 -0.59 2.74
C GLY A 316 12.66 -0.40 1.69
N LYS A 317 13.90 -0.61 2.14
CA LYS A 317 14.99 -0.78 1.20
C LYS A 317 15.07 -2.20 0.67
N SER A 318 14.17 -3.08 1.09
CA SER A 318 14.27 -4.50 0.83
C SER A 318 13.90 -4.83 -0.62
N ASP A 319 14.70 -5.70 -1.23
CA ASP A 319 14.33 -6.27 -2.51
C ASP A 319 13.38 -7.46 -2.38
N ARG A 320 13.00 -7.83 -1.16
CA ARG A 320 12.36 -9.11 -0.94
C ARG A 320 10.86 -9.06 -1.25
N ILE A 321 10.36 -10.19 -1.77
CA ILE A 321 8.93 -10.39 -1.86
C ILE A 321 8.39 -10.64 -0.46
N ARG A 322 7.31 -9.93 -0.09
CA ARG A 322 6.67 -10.16 1.20
C ARG A 322 5.69 -11.32 1.09
N GLU A 323 5.64 -12.15 2.13
CA GLU A 323 4.77 -13.33 2.06
C GLU A 323 3.31 -12.93 1.96
N TYR A 324 2.87 -11.94 2.78
CA TYR A 324 1.48 -11.56 2.77
C TYR A 324 1.29 -10.27 1.97
N PRO A 325 0.15 -10.15 1.31
CA PRO A 325 -0.16 -8.91 0.58
C PRO A 325 -0.12 -7.72 1.53
N TRP A 326 0.29 -6.58 0.99
CA TRP A 326 0.46 -5.38 1.79
C TRP A 326 0.12 -4.19 0.92
N GLN A 327 0.09 -3.01 1.54
CA GLN A 327 -0.26 -1.79 0.83
C GLN A 327 0.73 -0.69 1.22
N THR A 328 0.98 0.24 0.30
CA THR A 328 1.79 1.40 0.62
C THR A 328 1.21 2.61 -0.09
N ASP A 329 1.36 3.77 0.54
CA ASP A 329 0.63 4.98 0.13
C ASP A 329 1.60 6.09 -0.25
N THR A 330 1.23 6.87 -1.26
CA THR A 330 2.00 8.07 -1.57
C THR A 330 1.08 9.06 -2.26
N SER A 331 1.48 10.32 -2.26
CA SER A 331 0.68 11.37 -2.88
C SER A 331 1.20 11.68 -4.28
N VAL A 332 0.28 12.08 -5.16
CA VAL A 332 0.69 12.64 -6.44
C VAL A 332 1.47 13.94 -6.22
N GLY A 333 1.11 14.71 -5.21
CA GLY A 333 1.84 15.95 -4.93
C GLY A 333 3.19 15.67 -4.30
N LYS A 334 4.20 16.44 -4.70
CA LYS A 334 5.51 16.34 -4.08
C LYS A 334 5.50 16.88 -2.66
N LYS A 335 4.71 17.92 -2.42
CA LYS A 335 4.68 18.64 -1.14
C LYS A 335 3.63 18.08 -0.19
N SER A 336 2.41 17.87 -0.67
CA SER A 336 1.31 17.61 0.24
C SER A 336 0.43 16.46 -0.24
N TRP A 337 -0.49 16.07 0.64
CA TRP A 337 -1.56 15.13 0.33
C TRP A 337 -2.86 15.88 0.06
N SER A 338 -3.33 16.67 1.02
CA SER A 338 -4.44 17.57 0.76
C SER A 338 -3.96 18.76 -0.07
N TYR A 339 -4.91 19.49 -0.63
CA TYR A 339 -4.59 20.51 -1.63
C TYR A 339 -3.83 21.69 -1.01
N CYS A 340 -2.83 22.18 -1.73
CA CYS A 340 -2.24 23.48 -1.38
C CYS A 340 -1.92 24.24 -2.66
N VAL A 341 -2.06 25.57 -2.60
CA VAL A 341 -1.64 26.40 -3.71
C VAL A 341 -0.14 26.25 -3.91
N GLY A 342 0.28 26.21 -5.17
CA GLY A 342 1.69 26.06 -5.45
C GLY A 342 2.20 24.64 -5.36
N GLU A 343 1.32 23.66 -5.38
CA GLU A 343 1.76 22.27 -5.36
C GLU A 343 2.54 21.95 -6.63
N GLU A 344 3.64 21.23 -6.47
CA GLU A 344 4.35 20.64 -7.59
C GLU A 344 4.03 19.15 -7.59
N ASN A 345 3.44 18.67 -8.68
CA ASN A 345 3.05 17.27 -8.75
C ASN A 345 4.17 16.41 -9.31
N LYS A 346 4.17 15.13 -8.92
CA LYS A 346 5.17 14.18 -9.39
C LYS A 346 4.95 13.81 -10.85
N SER A 347 6.00 13.23 -11.46
CA SER A 347 5.82 12.77 -12.83
C SER A 347 5.24 11.37 -12.85
N PRO A 348 4.42 11.04 -13.86
CA PRO A 348 3.94 9.66 -13.99
C PRO A 348 5.08 8.64 -14.04
N ASP A 349 6.25 9.02 -14.57
CA ASP A 349 7.33 8.06 -14.72
C ASP A 349 7.77 7.49 -13.37
N HIS A 350 8.04 8.36 -12.40
CA HIS A 350 8.50 7.86 -11.10
C HIS A 350 7.41 7.09 -10.38
N ILE A 351 6.15 7.55 -10.48
CA ILE A 351 5.04 6.84 -9.84
C ILE A 351 4.91 5.45 -10.44
N ILE A 352 4.95 5.36 -11.76
CA ILE A 352 4.77 4.06 -12.42
C ILE A 352 5.94 3.12 -12.09
N ASP A 353 7.16 3.63 -12.08
CA ASP A 353 8.29 2.77 -11.71
C ASP A 353 8.12 2.22 -10.30
N ASP A 354 7.73 3.07 -9.35
CA ASP A 354 7.50 2.61 -7.98
C ASP A 354 6.34 1.63 -7.94
N PHE A 355 5.26 1.94 -8.66
CA PHE A 355 4.11 1.03 -8.75
C PHE A 355 4.54 -0.37 -9.16
N VAL A 356 5.36 -0.47 -10.22
CA VAL A 356 5.78 -1.79 -10.68
C VAL A 356 6.62 -2.48 -9.61
N ASP A 357 7.52 -1.73 -8.97
CA ASP A 357 8.35 -2.30 -7.91
C ASP A 357 7.49 -2.81 -6.77
N ILE A 358 6.49 -2.02 -6.36
CA ILE A 358 5.57 -2.45 -5.31
C ILE A 358 4.85 -3.73 -5.70
N VAL A 359 4.33 -3.78 -6.93
CA VAL A 359 3.54 -4.94 -7.33
C VAL A 359 4.40 -6.19 -7.38
N SER A 360 5.64 -6.06 -7.84
CA SER A 360 6.53 -7.23 -7.93
C SER A 360 6.80 -7.86 -6.57
N LYS A 361 6.65 -7.09 -5.48
CA LYS A 361 6.96 -7.56 -4.14
C LYS A 361 5.72 -7.88 -3.32
N ASN A 362 4.58 -8.07 -3.99
CA ASN A 362 3.30 -8.48 -3.41
C ASN A 362 2.51 -7.32 -2.84
N GLY A 363 2.85 -6.08 -3.21
CA GLY A 363 2.18 -4.93 -2.67
C GLY A 363 1.15 -4.31 -3.60
N ASN A 364 0.26 -3.53 -3.01
CA ASN A 364 -0.68 -2.67 -3.70
C ASN A 364 -0.28 -1.22 -3.45
N LEU A 365 -0.48 -0.37 -4.45
CA LEU A 365 -0.22 1.05 -4.32
C LEU A 365 -1.55 1.79 -4.11
N LEU A 366 -1.60 2.58 -3.04
CA LEU A 366 -2.74 3.45 -2.76
C LEU A 366 -2.25 4.89 -3.01
N LEU A 367 -2.65 5.47 -4.13
CA LEU A 367 -2.10 6.74 -4.62
C LEU A 367 -3.06 7.89 -4.33
N ASN A 368 -2.57 8.95 -3.67
CA ASN A 368 -3.45 10.02 -3.18
C ASN A 368 -3.52 11.21 -4.12
N ILE A 369 -4.74 11.74 -4.29
CA ILE A 369 -4.99 13.04 -4.91
C ILE A 369 -5.61 13.95 -3.84
N GLY A 370 -5.43 15.25 -4.03
CA GLY A 370 -5.94 16.22 -3.10
C GLY A 370 -6.75 17.30 -3.79
N PRO A 371 -8.07 17.15 -3.82
CA PRO A 371 -8.93 18.12 -4.51
C PRO A 371 -8.96 19.46 -3.78
N LYS A 372 -9.22 20.51 -4.56
CA LYS A 372 -9.39 21.82 -3.95
C LYS A 372 -10.62 21.82 -3.04
N ALA A 373 -10.72 22.87 -2.21
CA ALA A 373 -11.80 22.90 -1.23
C ALA A 373 -13.17 22.92 -1.88
N ASP A 374 -13.29 23.49 -3.09
CA ASP A 374 -14.59 23.49 -3.74
C ASP A 374 -14.96 22.14 -4.34
N GLY A 375 -14.07 21.15 -4.28
CA GLY A 375 -14.36 19.82 -4.80
C GLY A 375 -13.74 19.50 -6.14
N THR A 376 -12.98 20.44 -6.72
CA THR A 376 -12.35 20.27 -8.02
C THR A 376 -11.03 19.52 -7.89
N ILE A 377 -10.88 18.41 -8.63
CA ILE A 377 -9.58 17.77 -8.80
C ILE A 377 -8.80 18.58 -9.83
N THR A 378 -7.57 18.97 -9.48
CA THR A 378 -6.80 19.84 -10.36
C THR A 378 -6.52 19.17 -11.70
N ASP A 379 -6.34 20.00 -12.75
CA ASP A 379 -5.98 19.48 -14.06
C ASP A 379 -4.67 18.70 -13.99
N GLU A 380 -3.72 19.16 -13.18
CA GLU A 380 -2.44 18.49 -13.10
C GLU A 380 -2.59 17.06 -12.59
N GLN A 381 -3.39 16.87 -11.53
CA GLN A 381 -3.55 15.54 -10.99
C GLN A 381 -4.45 14.67 -11.85
N LYS A 382 -5.45 15.27 -12.52
CA LYS A 382 -6.17 14.51 -13.55
C LYS A 382 -5.22 13.99 -14.61
N ASN A 383 -4.20 14.79 -14.97
CA ASN A 383 -3.29 14.41 -16.04
C ASN A 383 -2.36 13.29 -15.62
N VAL A 384 -1.85 13.36 -14.38
CA VAL A 384 -1.02 12.28 -13.87
C VAL A 384 -1.80 10.96 -13.86
N LEU A 385 -3.02 10.99 -13.31
CA LEU A 385 -3.82 9.76 -13.25
C LEU A 385 -4.13 9.25 -14.66
N ALA A 386 -4.44 10.15 -15.60
CA ALA A 386 -4.74 9.71 -16.96
C ALA A 386 -3.53 9.05 -17.61
N GLU A 387 -2.33 9.55 -17.33
CA GLU A 387 -1.13 8.95 -17.90
C GLU A 387 -0.91 7.54 -17.34
N ILE A 388 -1.14 7.36 -16.03
CA ILE A 388 -1.04 6.02 -15.44
C ILE A 388 -2.07 5.09 -16.05
N GLY A 389 -3.28 5.60 -16.26
CA GLY A 389 -4.33 4.80 -16.87
C GLY A 389 -3.99 4.38 -18.29
N LYS A 390 -3.38 5.29 -19.06
CA LYS A 390 -3.00 4.94 -20.44
C LYS A 390 -1.88 3.90 -20.43
N TRP A 391 -0.94 4.04 -19.50
CA TRP A 391 0.07 3.00 -19.32
C TRP A 391 -0.57 1.65 -18.99
N LEU A 392 -1.56 1.65 -18.08
CA LEU A 392 -2.17 0.38 -17.67
C LEU A 392 -3.04 -0.21 -18.78
N LYS A 393 -3.59 0.65 -19.66
CA LYS A 393 -4.35 0.15 -20.79
C LYS A 393 -3.48 -0.74 -21.66
N THR A 394 -2.21 -0.39 -21.83
CA THR A 394 -1.31 -1.22 -22.62
C THR A 394 -0.67 -2.34 -21.81
N ASN A 395 -0.26 -2.07 -20.57
CA ASN A 395 0.59 -2.97 -19.80
C ASN A 395 -0.12 -3.70 -18.67
N GLY A 396 -1.42 -3.48 -18.48
CA GLY A 396 -2.14 -3.99 -17.34
C GLY A 396 -2.18 -5.50 -17.23
N GLU A 397 -1.99 -6.22 -18.35
CA GLU A 397 -1.95 -7.68 -18.28
C GLU A 397 -0.90 -8.16 -17.30
N ALA A 398 0.22 -7.43 -17.19
CA ALA A 398 1.30 -7.80 -16.30
C ALA A 398 1.04 -7.40 -14.85
N ILE A 399 -0.04 -6.66 -14.58
CA ILE A 399 -0.30 -6.06 -13.27
C ILE A 399 -1.54 -6.69 -12.64
N TYR A 400 -2.70 -6.46 -13.25
CA TYR A 400 -3.94 -6.94 -12.68
C TYR A 400 -3.94 -8.46 -12.56
N GLY A 401 -4.31 -8.96 -11.39
CA GLY A 401 -4.39 -10.39 -11.19
C GLY A 401 -3.05 -11.10 -11.12
N SER A 402 -1.93 -10.37 -11.22
CA SER A 402 -0.63 -11.03 -11.18
C SER A 402 -0.26 -11.38 -9.75
N ARG A 403 0.76 -12.21 -9.61
CA ARG A 403 1.39 -12.50 -8.33
C ARG A 403 2.90 -12.36 -8.48
N PRO A 404 3.61 -12.22 -7.37
CA PRO A 404 5.07 -12.22 -7.46
C PRO A 404 5.59 -13.50 -8.10
N TRP A 405 6.73 -13.38 -8.78
CA TRP A 405 7.40 -14.53 -9.37
C TRP A 405 8.35 -15.15 -8.32
N VAL A 406 9.41 -15.85 -8.73
CA VAL A 406 10.32 -16.41 -7.73
C VAL A 406 11.16 -15.32 -7.10
N ILE A 407 11.40 -14.23 -7.84
CA ILE A 407 12.23 -13.13 -7.39
C ILE A 407 11.65 -11.87 -8.01
N ALA A 408 11.74 -10.75 -7.27
CA ALA A 408 11.02 -9.55 -7.67
C ALA A 408 11.81 -8.68 -8.63
N SER A 409 13.15 -8.70 -8.55
CA SER A 409 13.89 -7.66 -9.23
C SER A 409 15.31 -8.12 -9.54
N GLU A 410 15.90 -7.47 -10.53
CA GLU A 410 17.33 -7.56 -10.79
C GLU A 410 17.79 -6.19 -11.27
N GLY A 411 19.10 -6.00 -11.32
CA GLY A 411 19.66 -4.74 -11.74
C GLY A 411 20.30 -3.98 -10.59
N HIS A 412 20.90 -2.84 -10.94
CA HIS A 412 21.67 -2.01 -10.01
C HIS A 412 20.84 -0.96 -9.29
N ASN A 413 19.69 -0.57 -9.86
CA ASN A 413 18.78 0.42 -9.27
C ASN A 413 19.42 1.80 -9.12
N GLY A 418 22.16 5.22 -0.17
CA GLY A 418 21.56 6.14 0.79
C GLY A 418 22.34 7.42 1.01
N TYR A 419 23.36 7.36 1.87
CA TYR A 419 24.15 8.55 2.23
C TYR A 419 25.08 8.87 1.06
N MET A 420 24.54 9.60 0.11
CA MET A 420 25.36 10.20 -0.95
C MET A 420 25.52 11.67 -0.62
N THR A 421 26.74 12.17 -0.81
CA THR A 421 27.12 13.54 -0.52
C THR A 421 27.31 14.31 -1.82
N ASP A 422 26.37 14.07 -2.74
CA ASP A 422 26.25 14.69 -4.04
C ASP A 422 24.78 14.51 -4.44
N ASN A 423 24.34 15.26 -5.44
CA ASN A 423 23.10 14.88 -6.12
C ASN A 423 23.51 14.02 -7.32
N THR A 424 23.23 12.73 -7.24
CA THR A 424 23.74 11.78 -8.24
C THR A 424 22.89 11.74 -9.49
N LYS A 425 21.67 12.27 -9.43
CA LYS A 425 20.72 12.23 -10.54
C LYS A 425 20.55 10.81 -11.08
N THR A 426 20.55 9.83 -10.17
CA THR A 426 20.41 8.44 -10.59
C THR A 426 18.99 8.18 -11.07
N GLU A 427 18.88 7.46 -12.18
CA GLU A 427 17.60 7.00 -12.72
C GLU A 427 17.71 5.52 -13.01
N TYR A 428 16.56 4.86 -13.11
CA TYR A 428 16.57 3.48 -13.56
C TYR A 428 17.10 3.38 -14.99
N THR A 429 17.64 2.22 -15.33
CA THR A 429 17.99 1.88 -16.70
C THR A 429 17.17 0.67 -17.13
N ALA A 430 17.28 0.29 -18.40
CA ALA A 430 16.55 -0.88 -18.87
C ALA A 430 16.99 -2.15 -18.17
N ASP A 431 18.19 -2.18 -17.58
CA ASP A 431 18.64 -3.38 -16.88
C ASP A 431 17.99 -3.54 -15.52
N ASP A 432 17.32 -2.51 -15.02
CA ASP A 432 16.55 -2.62 -13.79
C ASP A 432 15.21 -3.23 -14.14
N ILE A 433 15.02 -4.49 -13.76
CA ILE A 433 13.88 -5.30 -14.18
C ILE A 433 13.08 -5.69 -12.94
N ARG A 434 11.75 -5.69 -13.07
CA ARG A 434 10.86 -6.22 -12.05
C ARG A 434 10.00 -7.32 -12.68
N PHE A 435 9.61 -8.31 -11.87
CA PHE A 435 8.94 -9.50 -12.39
C PHE A 435 7.56 -9.67 -11.77
N THR A 436 6.60 -10.11 -12.59
CA THR A 436 5.34 -10.63 -12.10
C THR A 436 5.02 -11.89 -12.89
N THR A 437 4.03 -12.65 -12.41
CA THR A 437 3.58 -13.80 -13.17
C THR A 437 2.06 -13.86 -13.11
N CYS A 438 1.47 -14.39 -14.18
CA CYS A 438 0.02 -14.54 -14.24
C CYS A 438 -0.29 -15.56 -15.32
N ASP A 439 -1.14 -16.53 -14.98
CA ASP A 439 -1.53 -17.58 -15.91
C ASP A 439 -0.31 -18.32 -16.46
N ASN A 440 0.73 -18.46 -15.64
CA ASN A 440 1.99 -19.16 -15.97
C ASN A 440 2.89 -18.33 -16.87
N ASN A 441 2.46 -17.16 -17.33
CA ASN A 441 3.32 -16.26 -18.07
C ASN A 441 4.25 -15.51 -17.12
N LEU A 442 5.46 -15.24 -17.59
CA LEU A 442 6.42 -14.41 -16.89
C LEU A 442 6.44 -13.02 -17.52
N TYR A 443 6.23 -11.99 -16.71
CA TYR A 443 6.33 -10.61 -17.17
C TYR A 443 7.61 -10.00 -16.62
N ALA A 444 8.48 -9.51 -17.51
CA ALA A 444 9.71 -8.83 -17.14
C ALA A 444 9.58 -7.37 -17.53
N VAL A 445 9.55 -6.48 -16.54
CA VAL A 445 9.27 -5.07 -16.76
C VAL A 445 10.56 -4.29 -16.61
N SER A 446 11.04 -3.71 -17.70
CA SER A 446 12.17 -2.79 -17.63
C SER A 446 11.68 -1.41 -17.21
N LEU A 447 12.38 -0.80 -16.26
CA LEU A 447 11.97 0.50 -15.73
C LEU A 447 12.51 1.67 -16.54
N ALA A 448 13.21 1.40 -17.64
CA ALA A 448 13.58 2.43 -18.60
C ALA A 448 13.83 1.76 -19.94
N TRP A 449 14.05 2.60 -20.95
CA TRP A 449 14.19 2.17 -22.33
C TRP A 449 15.66 2.02 -22.70
N THR A 450 15.93 1.12 -23.65
CA THR A 450 17.25 1.03 -24.26
C THR A 450 17.09 0.74 -25.74
N ASP A 451 17.98 1.30 -26.56
CA ASP A 451 18.03 0.96 -27.98
C ASP A 451 18.73 -0.36 -28.24
N GLY A 452 19.47 -0.87 -27.25
CA GLY A 452 20.11 -2.17 -27.35
C GLY A 452 19.31 -3.28 -26.69
N SER A 453 19.96 -4.09 -25.89
CA SER A 453 19.35 -5.28 -25.31
C SER A 453 19.51 -5.27 -23.79
N VAL A 454 18.81 -6.20 -23.15
CA VAL A 454 19.05 -6.52 -21.75
C VAL A 454 19.27 -8.02 -21.68
N THR A 455 19.86 -8.46 -20.57
CA THR A 455 20.04 -9.88 -20.29
C THR A 455 19.37 -10.17 -18.96
N ILE A 456 18.31 -10.96 -18.99
CA ILE A 456 17.57 -11.28 -17.78
C ILE A 456 18.39 -12.28 -16.97
N LYS A 457 19.05 -11.79 -15.92
CA LYS A 457 19.99 -12.62 -15.15
C LYS A 457 19.30 -13.67 -14.32
N SER A 458 18.03 -13.42 -13.97
CA SER A 458 17.28 -14.38 -13.18
C SER A 458 16.90 -15.60 -13.97
N LEU A 459 17.13 -15.60 -15.29
CA LEU A 459 16.98 -16.78 -16.11
C LEU A 459 18.32 -17.38 -16.51
N ALA A 460 19.38 -17.08 -15.74
CA ALA A 460 20.67 -17.72 -15.98
C ALA A 460 20.57 -19.22 -15.73
N THR A 461 21.41 -19.97 -16.43
CA THR A 461 21.24 -21.42 -16.45
C THR A 461 21.38 -22.03 -15.06
N LYS A 462 22.16 -21.40 -14.17
CA LYS A 462 22.33 -21.94 -12.83
C LYS A 462 21.05 -21.88 -12.00
N TYR A 463 20.09 -21.04 -12.38
CA TYR A 463 18.78 -21.01 -11.73
C TYR A 463 17.76 -21.94 -12.37
N CYS A 464 18.09 -22.61 -13.47
CA CYS A 464 17.09 -23.23 -14.33
C CYS A 464 17.31 -24.72 -14.49
N ARG A 465 16.21 -25.45 -14.65
CA ARG A 465 16.23 -26.81 -15.14
C ARG A 465 15.28 -26.90 -16.34
N ASN A 466 15.83 -27.25 -17.50
CA ASN A 466 15.01 -27.53 -18.68
C ASN A 466 14.15 -26.33 -19.09
N VAL A 467 14.69 -25.13 -18.91
CA VAL A 467 13.96 -23.93 -19.29
C VAL A 467 14.06 -23.78 -20.80
N GLU A 468 12.92 -23.69 -21.47
CA GLU A 468 12.86 -23.40 -22.89
C GLU A 468 11.91 -22.24 -23.09
N ILE A 469 12.37 -21.22 -23.79
CA ILE A 469 11.52 -20.05 -24.07
C ILE A 469 10.67 -20.35 -25.30
N GLU A 470 9.35 -20.25 -25.12
CA GLU A 470 8.41 -20.51 -26.20
C GLU A 470 8.07 -19.24 -26.99
N SER A 471 8.01 -18.09 -26.32
CA SER A 471 7.80 -16.84 -27.04
C SER A 471 8.15 -15.66 -26.14
N VAL A 472 8.53 -14.54 -26.78
CA VAL A 472 8.73 -13.27 -26.10
C VAL A 472 8.07 -12.18 -26.93
N GLU A 473 7.27 -11.35 -26.28
CA GLU A 473 6.70 -10.17 -26.92
C GLU A 473 6.77 -9.01 -25.95
N MET A 474 6.77 -7.80 -26.48
CA MET A 474 6.60 -6.61 -25.65
C MET A 474 5.14 -6.18 -25.73
N LEU A 475 4.51 -5.97 -24.57
CA LEU A 475 3.11 -5.57 -24.55
C LEU A 475 2.94 -4.25 -25.29
N GLY A 476 1.93 -4.19 -26.15
CA GLY A 476 1.71 -3.01 -26.97
C GLY A 476 2.57 -2.90 -28.21
N SER A 477 3.48 -3.83 -28.45
CA SER A 477 4.34 -3.79 -29.63
C SER A 477 3.88 -4.82 -30.64
N SER A 478 3.78 -4.42 -31.90
CA SER A 478 3.56 -5.35 -33.00
C SER A 478 4.85 -5.93 -33.55
N GLU A 479 6.00 -5.51 -33.04
CA GLU A 479 7.27 -5.96 -33.59
C GLU A 479 7.67 -7.30 -33.01
N LYS A 480 8.30 -8.14 -33.83
CA LYS A 480 8.81 -9.41 -33.33
C LYS A 480 10.05 -9.15 -32.48
N ILE A 481 10.07 -9.74 -31.30
CA ILE A 481 11.20 -9.58 -30.38
C ILE A 481 12.24 -10.63 -30.72
N ASP A 482 13.48 -10.18 -30.90
CA ASP A 482 14.59 -11.07 -31.10
C ASP A 482 15.25 -11.38 -29.76
N TYR A 483 15.45 -12.66 -29.48
CA TYR A 483 15.96 -13.07 -28.18
C TYR A 483 16.78 -14.33 -28.33
N LYS A 484 17.60 -14.62 -27.32
CA LYS A 484 18.41 -15.82 -27.30
C LYS A 484 18.76 -16.16 -25.86
N MET A 485 18.52 -17.42 -25.47
CA MET A 485 18.93 -17.89 -24.16
C MET A 485 20.44 -18.16 -24.14
N THR A 486 21.11 -17.65 -23.12
CA THR A 486 22.54 -17.90 -22.90
C THR A 486 22.73 -18.39 -21.47
N ASP A 487 23.95 -18.86 -21.16
CA ASP A 487 24.27 -19.27 -19.80
C ASP A 487 24.07 -18.12 -18.80
N GLU A 488 24.35 -16.89 -19.22
CA GLU A 488 24.23 -15.73 -18.36
C GLU A 488 22.79 -15.26 -18.20
N GLY A 489 21.86 -15.74 -19.02
CA GLY A 489 20.48 -15.36 -18.91
C GLY A 489 19.85 -15.22 -20.29
N LEU A 490 18.64 -14.67 -20.30
CA LEU A 490 17.87 -14.50 -21.53
C LEU A 490 18.16 -13.14 -22.12
N VAL A 491 18.86 -13.11 -23.25
CA VAL A 491 19.16 -11.87 -23.93
C VAL A 491 17.95 -11.45 -24.73
N VAL A 492 17.53 -10.20 -24.58
CA VAL A 492 16.30 -9.70 -25.20
C VAL A 492 16.60 -8.35 -25.82
N ASN A 493 16.46 -8.25 -27.15
CA ASN A 493 16.68 -6.99 -27.86
C ASN A 493 15.40 -6.17 -27.84
N PHE A 494 15.51 -4.90 -27.43
CA PHE A 494 14.35 -4.03 -27.42
C PHE A 494 13.88 -3.78 -28.85
N PRO A 495 12.56 -3.61 -29.04
CA PRO A 495 12.07 -3.28 -30.39
C PRO A 495 12.40 -1.84 -30.75
N LYS A 496 12.04 -1.44 -31.97
CA LYS A 496 12.43 -0.13 -32.49
C LYS A 496 11.59 1.00 -31.90
N ASN A 497 10.27 0.82 -31.79
CA ASN A 497 9.39 1.88 -31.31
C ASN A 497 8.89 1.59 -29.90
N LYS A 498 8.75 2.65 -29.11
CA LYS A 498 8.20 2.56 -27.75
C LYS A 498 6.68 2.42 -27.78
N PRO A 499 6.12 1.33 -27.28
CA PRO A 499 4.65 1.28 -27.16
C PRO A 499 4.11 2.27 -26.15
N THR A 500 4.84 2.46 -25.04
CA THR A 500 4.52 3.44 -24.02
C THR A 500 5.81 4.05 -23.49
N GLU A 501 5.66 5.14 -22.77
CA GLU A 501 6.76 5.68 -21.98
C GLU A 501 6.87 4.90 -20.67
N TYR A 502 7.80 5.33 -19.81
CA TYR A 502 7.84 5.01 -18.39
C TYR A 502 8.42 3.64 -18.06
N ALA A 503 7.77 2.56 -18.53
CA ALA A 503 8.16 1.21 -18.22
C ALA A 503 7.65 0.30 -19.34
N HIS A 504 8.36 -0.80 -19.56
CA HIS A 504 8.18 -1.61 -20.77
C HIS A 504 8.16 -3.08 -20.40
N VAL A 505 7.12 -3.79 -20.81
CA VAL A 505 6.85 -5.15 -20.34
C VAL A 505 7.18 -6.16 -21.43
N PHE A 506 8.07 -7.09 -21.11
CA PHE A 506 8.23 -8.29 -21.92
C PHE A 506 7.35 -9.40 -21.34
N LYS A 507 6.48 -9.96 -22.17
CA LYS A 507 5.70 -11.13 -21.80
C LYS A 507 6.43 -12.37 -22.31
N ILE A 508 6.80 -13.27 -21.40
CA ILE A 508 7.63 -14.44 -21.73
C ILE A 508 6.83 -15.70 -21.45
N LYS A 509 6.67 -16.53 -22.47
CA LYS A 509 6.10 -17.86 -22.31
C LYS A 509 7.24 -18.87 -22.29
N LEU A 510 7.35 -19.62 -21.20
CA LEU A 510 8.46 -20.55 -21.04
C LEU A 510 7.95 -21.82 -20.36
N LYS A 511 8.69 -22.90 -20.55
CA LYS A 511 8.56 -24.09 -19.72
C LYS A 511 9.86 -24.28 -18.96
N GLY A 512 9.85 -25.21 -18.02
CA GLY A 512 10.99 -25.46 -17.17
C GLY A 512 10.71 -25.03 -15.73
N VAL A 513 11.69 -25.32 -14.88
CA VAL A 513 11.63 -24.96 -13.46
C VAL A 513 12.72 -23.93 -13.17
N VAL A 514 12.38 -22.91 -12.37
CA VAL A 514 13.30 -21.84 -12.02
C VAL A 514 13.30 -21.68 -10.51
N VAL A 515 14.49 -21.49 -9.93
CA VAL A 515 14.66 -21.21 -8.50
C VAL A 515 15.22 -19.81 -8.37
N SER A 516 14.81 -19.11 -7.30
CA SER A 516 15.40 -17.81 -7.02
C SER A 516 16.77 -17.97 -6.39
N LYS A 517 17.55 -16.90 -6.42
CA LYS A 517 18.75 -16.88 -5.59
C LYS A 517 18.36 -16.97 -4.12
N PRO A 518 19.10 -17.70 -3.30
CA PRO A 518 18.67 -17.91 -1.92
C PRO A 518 18.87 -16.68 -1.06
N LEU A 519 17.96 -16.52 -0.09
CA LEU A 519 18.07 -15.52 0.95
C LEU A 519 18.47 -16.19 2.26
N TYR A 520 19.38 -15.56 3.00
CA TYR A 520 19.90 -16.08 4.26
C TYR A 520 19.46 -15.18 5.40
N ASP A 521 18.94 -15.79 6.47
CA ASP A 521 18.51 -15.06 7.67
C ASP A 521 19.08 -15.72 8.91
N LYS A 522 19.57 -14.89 9.84
CA LYS A 522 20.21 -15.40 11.03
C LYS A 522 19.19 -15.98 12.00
N VAL A 523 19.41 -17.23 12.40
CA VAL A 523 18.72 -17.85 13.51
C VAL A 523 19.80 -18.37 14.46
N ASP A 524 19.41 -18.62 15.71
CA ASP A 524 20.39 -19.02 16.72
C ASP A 524 21.05 -20.34 16.35
N ASN A 525 22.38 -20.33 16.31
CA ASN A 525 23.21 -21.48 16.00
C ASN A 525 23.01 -21.99 14.58
N GLY A 526 22.43 -21.19 13.70
CA GLY A 526 22.23 -21.62 12.34
C GLY A 526 21.81 -20.50 11.42
N CYS A 527 21.22 -20.88 10.29
CA CYS A 527 20.70 -19.89 9.36
C CYS A 527 19.48 -20.47 8.66
N LEU A 528 18.51 -19.60 8.39
CA LEU A 528 17.34 -19.96 7.61
C LEU A 528 17.59 -19.63 6.15
N ILE A 529 17.27 -20.55 5.25
CA ILE A 529 17.44 -20.33 3.81
C ILE A 529 16.06 -20.26 3.19
N THR A 530 15.80 -19.23 2.40
CA THR A 530 14.52 -19.07 1.73
C THR A 530 14.71 -18.94 0.23
N VAL A 531 14.00 -19.77 -0.53
CA VAL A 531 13.92 -19.60 -1.98
C VAL A 531 12.46 -19.67 -2.39
N ARG A 532 12.22 -19.33 -3.65
CA ARG A 532 10.98 -19.65 -4.32
C ARG A 532 11.32 -20.45 -5.57
N VAL A 533 10.46 -21.41 -5.88
CA VAL A 533 10.60 -22.29 -7.04
C VAL A 533 9.32 -22.16 -7.86
N ALA A 534 9.48 -22.00 -9.18
CA ALA A 534 8.36 -21.91 -10.10
C ALA A 534 8.49 -23.06 -11.10
N ASN A 535 7.42 -23.84 -11.23
CA ASN A 535 7.33 -24.87 -12.24
C ASN A 535 6.45 -24.32 -13.36
N HIS A 536 7.08 -23.92 -14.46
CA HIS A 536 6.35 -23.44 -15.63
C HIS A 536 5.97 -24.57 -16.59
N ASN A 537 6.36 -25.81 -16.30
CA ASN A 537 5.94 -26.97 -17.08
C ASN A 537 4.46 -27.26 -16.90
N ALA A 538 3.88 -27.93 -17.89
CA ALA A 538 2.50 -28.39 -17.80
C ALA A 538 2.33 -29.63 -16.92
N GLU A 539 3.41 -30.23 -16.44
CA GLU A 539 3.33 -31.40 -15.58
C GLU A 539 4.05 -31.14 -14.26
N ASP A 540 3.59 -31.82 -13.22
CA ASP A 540 4.21 -31.70 -11.91
C ASP A 540 5.70 -32.01 -12.01
N ALA A 541 6.49 -31.37 -11.15
CA ALA A 541 7.94 -31.54 -11.19
C ALA A 541 8.46 -31.80 -9.79
N ASN A 542 9.47 -32.63 -9.69
CA ASN A 542 10.15 -32.87 -8.42
C ASN A 542 11.49 -32.13 -8.45
N VAL A 543 11.74 -31.33 -7.42
CA VAL A 543 13.00 -30.60 -7.34
C VAL A 543 13.65 -30.91 -5.99
N THR A 544 14.98 -30.94 -6.00
CA THR A 544 15.76 -31.14 -4.79
C THR A 544 16.58 -29.88 -4.54
N LEU A 545 16.45 -29.33 -3.34
CA LEU A 545 17.26 -28.19 -2.92
C LEU A 545 18.22 -28.65 -1.83
N LYS A 546 19.46 -28.18 -1.92
CA LYS A 546 20.50 -28.57 -0.96
C LYS A 546 21.25 -27.35 -0.50
N SER A 547 21.24 -27.11 0.80
CA SER A 547 22.00 -26.03 1.42
C SER A 547 23.14 -26.67 2.20
N VAL A 548 24.38 -26.30 1.87
CA VAL A 548 25.55 -26.81 2.57
C VAL A 548 26.20 -25.60 3.23
N VAL A 549 26.12 -25.52 4.56
CA VAL A 549 26.68 -24.40 5.31
C VAL A 549 27.63 -24.94 6.36
N ASP A 550 28.89 -24.53 6.28
CA ASP A 550 29.94 -24.97 7.22
C ASP A 550 29.96 -26.49 7.32
N GLY A 551 29.88 -27.15 6.16
CA GLY A 551 29.89 -28.59 6.08
C GLY A 551 28.58 -29.29 6.38
N ASN A 552 27.63 -28.61 7.03
CA ASN A 552 26.36 -29.22 7.39
C ASN A 552 25.43 -29.17 6.18
N GLU A 553 24.92 -30.33 5.77
CA GLU A 553 24.09 -30.43 4.57
C GLU A 553 22.64 -30.73 4.94
N VAL A 554 21.73 -29.86 4.51
CA VAL A 554 20.30 -30.14 4.58
C VAL A 554 19.77 -30.18 3.15
N SER A 555 18.89 -31.13 2.88
CA SER A 555 18.28 -31.31 1.57
C SER A 555 16.78 -31.42 1.75
N THR A 556 16.04 -30.94 0.76
CA THR A 556 14.60 -31.13 0.76
C THR A 556 14.17 -31.44 -0.66
N GLN A 557 13.31 -32.44 -0.82
CA GLN A 557 12.70 -32.69 -2.11
C GLN A 557 11.28 -32.16 -2.10
N VAL A 558 10.92 -31.44 -3.15
CA VAL A 558 9.69 -30.68 -3.24
C VAL A 558 8.97 -31.11 -4.51
N ALA A 559 7.69 -31.45 -4.37
CA ALA A 559 6.81 -31.64 -5.52
C ALA A 559 6.16 -30.30 -5.83
N VAL A 560 6.48 -29.74 -6.99
CA VAL A 560 5.92 -28.46 -7.41
C VAL A 560 4.88 -28.75 -8.49
N LYS A 561 3.62 -28.42 -8.19
CA LYS A 561 2.53 -28.69 -9.13
C LYS A 561 2.76 -27.96 -10.45
N ALA A 562 2.19 -28.52 -11.51
CA ALA A 562 2.25 -27.90 -12.83
C ALA A 562 1.80 -26.44 -12.75
N LYS A 563 2.56 -25.57 -13.43
CA LYS A 563 2.24 -24.15 -13.58
C LYS A 563 1.93 -23.51 -12.22
N SER A 564 2.83 -23.70 -11.26
CA SER A 564 2.64 -23.16 -9.92
C SER A 564 4.01 -22.83 -9.32
N GLU A 565 3.98 -22.05 -8.23
CA GLU A 565 5.22 -21.69 -7.54
C GLU A 565 4.99 -21.72 -6.04
N GLN A 566 6.08 -21.81 -5.28
CA GLN A 566 5.92 -21.90 -3.84
C GLN A 566 7.19 -21.44 -3.16
N TRP A 567 7.01 -20.99 -1.91
CA TRP A 567 8.12 -20.74 -1.00
C TRP A 567 8.70 -22.08 -0.54
N VAL A 568 10.02 -22.10 -0.35
CA VAL A 568 10.70 -23.21 0.29
C VAL A 568 11.67 -22.64 1.31
N LYS A 569 11.61 -23.16 2.53
CA LYS A 569 12.46 -22.72 3.62
C LYS A 569 13.23 -23.91 4.16
N MET A 570 14.52 -23.70 4.43
CA MET A 570 15.36 -24.73 5.00
C MET A 570 16.18 -24.10 6.10
N GLN A 571 16.79 -24.94 6.93
CA GLN A 571 17.53 -24.46 8.08
C GLN A 571 18.79 -25.29 8.27
N ASN A 572 19.94 -24.63 8.26
CA ASN A 572 21.19 -25.30 8.60
C ASN A 572 21.47 -25.13 10.09
N LYS A 573 22.07 -26.15 10.69
CA LYS A 573 22.39 -26.11 12.10
C LYS A 573 23.90 -26.04 12.31
N ASP A 574 24.28 -25.78 13.56
CA ASP A 574 25.68 -25.74 13.98
C ASP A 574 26.50 -24.72 13.20
N VAL A 575 25.93 -23.52 13.05
CA VAL A 575 26.62 -22.41 12.41
C VAL A 575 27.21 -21.55 13.52
N LYS A 576 28.53 -21.51 13.61
CA LYS A 576 29.20 -20.77 14.67
C LYS A 576 29.05 -19.26 14.50
N SER A 577 29.29 -18.79 13.27
CA SER A 577 29.29 -17.37 12.98
C SER A 577 28.54 -17.13 11.68
N PHE A 578 27.44 -16.38 11.76
CA PHE A 578 26.65 -16.06 10.57
C PHE A 578 27.46 -15.21 9.59
N ASP A 579 28.32 -14.33 10.09
CA ASP A 579 29.08 -13.47 9.20
C ASP A 579 30.24 -14.20 8.53
N ASP A 580 30.73 -15.29 9.12
CA ASP A 580 31.88 -16.01 8.58
C ASP A 580 31.51 -17.33 7.94
N MET A 581 30.22 -17.61 7.79
CA MET A 581 29.76 -18.88 7.29
C MET A 581 30.21 -19.08 5.83
N SER A 582 30.39 -20.35 5.47
CA SER A 582 30.63 -20.76 4.09
C SER A 582 29.36 -21.42 3.57
N CYS A 583 28.84 -20.91 2.44
CA CYS A 583 27.52 -21.26 1.95
C CYS A 583 27.58 -21.71 0.50
N LYS A 584 26.99 -22.87 0.23
CA LYS A 584 26.74 -23.35 -1.12
C LYS A 584 25.29 -23.77 -1.21
N PHE A 585 24.64 -23.43 -2.32
CA PHE A 585 23.24 -23.79 -2.54
C PHE A 585 23.12 -24.49 -3.88
N TYR A 586 22.40 -25.62 -3.91
CA TYR A 586 22.27 -26.44 -5.11
C TYR A 586 20.82 -26.63 -5.50
N PHE A 587 20.57 -26.57 -6.80
CA PHE A 587 19.27 -26.82 -7.41
C PHE A 587 19.44 -28.07 -8.27
N ASN A 588 18.88 -29.19 -7.81
CA ASN A 588 19.04 -30.47 -8.49
C ASN A 588 20.52 -30.79 -8.75
N ASP A 589 21.34 -30.57 -7.72
CA ASP A 589 22.78 -30.84 -7.71
C ASP A 589 23.59 -29.88 -8.56
N ASN A 590 22.98 -28.82 -9.07
CA ASN A 590 23.70 -27.79 -9.80
C ASN A 590 23.91 -26.59 -8.88
N LEU A 591 25.13 -26.09 -8.81
CA LEU A 591 25.43 -25.00 -7.89
C LEU A 591 24.73 -23.73 -8.35
N THR A 592 23.89 -23.18 -7.49
CA THR A 592 23.15 -21.96 -7.78
C THR A 592 23.79 -20.74 -7.15
N TYR A 593 24.41 -20.91 -5.98
CA TYR A 593 24.99 -19.79 -5.24
C TYR A 593 26.09 -20.31 -4.33
N GLU A 594 27.14 -19.52 -4.20
CA GLU A 594 28.13 -19.70 -3.15
C GLU A 594 28.64 -18.32 -2.78
N ASN A 595 28.77 -18.06 -1.48
CA ASN A 595 29.27 -16.76 -1.03
C ASN A 595 30.76 -16.67 -1.36
N GLU A 596 31.04 -16.53 -2.66
CA GLU A 596 32.40 -16.55 -3.18
C GLU A 596 33.20 -15.34 -2.71
N PHE A 597 32.54 -14.20 -2.55
CA PHE A 597 33.24 -12.96 -2.20
C PHE A 597 32.85 -12.51 -0.79
C1 EDO B . 4.77 -19.37 -11.85
O1 EDO B . 3.70 -19.21 -10.91
C2 EDO B . 4.58 -20.75 -12.50
O2 EDO B . 3.23 -20.81 -12.98
C1 EDO C . 5.90 -2.46 26.04
O1 EDO C . 5.04 -1.31 26.04
C2 EDO C . 7.01 -2.29 24.99
O2 EDO C . 6.49 -2.39 23.66
C1 EDO D . 8.70 -16.26 3.45
O1 EDO D . 8.88 -15.93 4.83
C2 EDO D . 7.37 -16.98 3.26
O2 EDO D . 7.16 -17.96 4.28
CA CA E . 10.89 4.64 -15.84
#